data_3OUN
#
_entry.id   3OUN
#
_cell.length_a   80.709
_cell.length_b   80.709
_cell.length_c   139.830
_cell.angle_alpha   90.00
_cell.angle_beta   90.00
_cell.angle_gamma   120.00
#
_symmetry.space_group_name_H-M   'P 31 2 1'
#
loop_
_entity.id
_entity.type
_entity.pdbx_description
1 polymer 'Putative uncharacterized protein TB39.8'
2 polymer 'PROBABLE CONSERVED TRANSMEMBRANE PROTEIN'
3 non-polymer 'MANGANESE (II) ION'
4 water water
#
loop_
_entity_poly.entity_id
_entity_poly.type
_entity_poly.pdbx_seq_one_letter_code
_entity_poly.pdbx_strand_id
1 'polypeptide(L)'
;MGSSQHHHHHSSGLVPRGSHMPQGGGYAEPAGRDYDYGQSGAPDYGQPAPGGYSGYGQGGYGSAGTSVTLQLDDGSGRTY
QLREGSNIIGRGQDAQFRLPDTGVSRRHLEIRWDGQVALLADLNSTNGTTVNNAPVQEWQLADGDVIRLGHSEIIVR
;
A
2 'polypeptide(L)'
;GPIAFDALREPDRESSAPPDDVQLVPGARIANGRYRLLIFHGGVPPLQFWQALDTALDRQVALTFVDPQGVLPDDVLQET
LSRTLRLSRIDKPGVARVLDVVHTRAGGLVVAEWIRGGSLQEVADTSPSPVGAIRAMQSLAAAADAAHRAGVALSIDHPS
RVRVSIDGDVVLAYPATMPDANPQDDIRGIGASLYALLVNRWPLPEAGVRSGLAPAERDTAGQPIEPADIDRDIPFQISA
VAARSVQGDGGIRSASTLLNLMQQATAVADR(TPO)EVLGPIDEAPVSAAPR
;
B
#
loop_
_chem_comp.id
_chem_comp.type
_chem_comp.name
_chem_comp.formula
MN non-polymer 'MANGANESE (II) ION' 'Mn 2'
#
# COMPACT_ATOMS: atom_id res chain seq x y z
N SER A 67 -22.51 -20.03 -31.11
CA SER A 67 -22.17 -18.85 -30.28
C SER A 67 -22.95 -18.72 -28.94
N VAL A 68 -22.20 -18.47 -27.85
CA VAL A 68 -22.73 -18.50 -26.48
C VAL A 68 -22.35 -17.26 -25.65
N THR A 69 -23.33 -16.58 -25.08
CA THR A 69 -23.10 -15.38 -24.26
C THR A 69 -23.55 -15.55 -22.81
N LEU A 70 -22.72 -15.12 -21.86
CA LEU A 70 -23.08 -15.17 -20.45
C LEU A 70 -23.46 -13.78 -19.99
N GLN A 71 -24.59 -13.67 -19.30
CA GLN A 71 -25.10 -12.38 -18.88
C GLN A 71 -25.07 -12.27 -17.37
N LEU A 72 -24.35 -11.29 -16.85
CA LEU A 72 -24.26 -11.07 -15.42
C LEU A 72 -25.53 -10.38 -14.98
N ASP A 73 -26.20 -10.99 -14.02
CA ASP A 73 -27.53 -10.51 -13.64
C ASP A 73 -27.49 -9.70 -12.36
N ASP A 74 -26.89 -8.52 -12.43
CA ASP A 74 -26.73 -7.66 -11.26
C ASP A 74 -27.18 -6.25 -11.60
N GLY A 75 -27.92 -6.12 -12.69
CA GLY A 75 -28.35 -4.81 -13.16
C GLY A 75 -27.23 -4.03 -13.81
N SER A 76 -26.03 -4.61 -13.82
CA SER A 76 -24.88 -4.00 -14.48
C SER A 76 -24.93 -4.17 -16.00
N GLY A 77 -25.67 -5.18 -16.46
CA GLY A 77 -25.78 -5.43 -17.89
C GLY A 77 -24.51 -5.92 -18.58
N ARG A 78 -23.46 -6.21 -17.82
CA ARG A 78 -22.23 -6.78 -18.38
C ARG A 78 -22.47 -8.15 -18.96
N THR A 79 -21.88 -8.41 -20.12
CA THR A 79 -21.94 -9.74 -20.71
C THR A 79 -20.57 -10.15 -21.20
N TYR A 80 -20.42 -11.44 -21.46
CA TYR A 80 -19.16 -11.96 -21.97
C TYR A 80 -19.47 -13.08 -22.94
N GLN A 81 -18.97 -12.97 -24.16
CA GLN A 81 -19.12 -14.04 -25.12
C GLN A 81 -17.97 -15.02 -24.96
N LEU A 82 -18.28 -16.30 -24.97
CA LEU A 82 -17.25 -17.33 -24.80
C LEU A 82 -16.32 -17.34 -25.98
N ARG A 83 -15.04 -17.53 -25.69
CA ARG A 83 -14.05 -17.69 -26.76
C ARG A 83 -13.65 -19.15 -26.80
N GLU A 84 -13.24 -19.65 -27.96
CA GLU A 84 -12.87 -21.04 -28.06
C GLU A 84 -11.74 -21.35 -27.11
N GLY A 85 -11.80 -22.51 -26.48
CA GLY A 85 -10.82 -22.89 -25.47
C GLY A 85 -11.27 -22.62 -24.05
N SER A 86 -10.33 -22.24 -23.20
CA SER A 86 -10.58 -21.99 -21.79
C SER A 86 -11.10 -20.57 -21.51
N ASN A 87 -12.21 -20.48 -20.81
CA ASN A 87 -12.68 -19.19 -20.30
C ASN A 87 -12.79 -19.28 -18.80
N ILE A 88 -11.86 -18.66 -18.10
CA ILE A 88 -11.90 -18.65 -16.64
C ILE A 88 -12.85 -17.59 -16.09
N ILE A 89 -13.74 -18.01 -15.21
CA ILE A 89 -14.62 -17.08 -14.51
C ILE A 89 -14.20 -17.00 -13.03
N GLY A 90 -13.92 -15.79 -12.55
CA GLY A 90 -13.51 -15.60 -11.17
C GLY A 90 -13.32 -14.15 -10.80
N ARG A 91 -12.86 -13.93 -9.56
CA ARG A 91 -12.60 -12.61 -9.04
C ARG A 91 -11.17 -12.13 -9.36
N GLY A 92 -10.27 -13.05 -9.65
CA GLY A 92 -8.86 -12.74 -9.81
C GLY A 92 -8.51 -11.96 -11.06
N GLN A 93 -7.25 -11.53 -11.19
CA GLN A 93 -6.91 -10.60 -12.27
C GLN A 93 -6.81 -11.22 -13.65
N ASP A 94 -6.51 -12.52 -13.73
CA ASP A 94 -6.44 -13.14 -15.05
C ASP A 94 -7.63 -14.06 -15.36
N ALA A 95 -8.82 -13.60 -14.98
CA ALA A 95 -10.06 -14.22 -15.38
C ALA A 95 -10.49 -13.56 -16.67
N GLN A 96 -11.12 -14.34 -17.55
CA GLN A 96 -11.65 -13.80 -18.79
C GLN A 96 -12.86 -12.93 -18.49
N PHE A 97 -13.68 -13.38 -17.55
CA PHE A 97 -14.86 -12.65 -17.07
C PHE A 97 -14.74 -12.51 -15.54
N ARG A 98 -14.47 -11.29 -15.08
N ARG A 98 -14.48 -11.29 -15.09
CA ARG A 98 -14.11 -11.04 -13.69
CA ARG A 98 -14.12 -11.04 -13.69
C ARG A 98 -15.27 -10.53 -12.83
C ARG A 98 -15.32 -10.56 -12.86
N LEU A 99 -15.50 -11.16 -11.68
CA LEU A 99 -16.58 -10.73 -10.78
C LEU A 99 -16.04 -10.27 -9.42
N PRO A 100 -16.31 -9.01 -9.05
CA PRO A 100 -15.88 -8.39 -7.79
C PRO A 100 -16.77 -8.83 -6.63
N ASP A 101 -16.99 -10.14 -6.52
CA ASP A 101 -17.84 -10.68 -5.50
C ASP A 101 -16.91 -11.39 -4.55
N THR A 102 -16.85 -10.93 -3.31
CA THR A 102 -15.89 -11.45 -2.34
C THR A 102 -16.04 -12.96 -2.10
N GLY A 103 -17.21 -13.51 -2.37
CA GLY A 103 -17.45 -14.92 -2.13
C GLY A 103 -17.07 -15.75 -3.33
N VAL A 104 -16.82 -15.07 -4.45
CA VAL A 104 -16.39 -15.75 -5.65
C VAL A 104 -14.88 -15.92 -5.57
N SER A 105 -14.43 -17.11 -5.94
CA SER A 105 -13.01 -17.42 -5.90
C SER A 105 -12.24 -16.70 -7.02
N ARG A 106 -10.95 -16.46 -6.78
CA ARG A 106 -10.11 -15.81 -7.77
C ARG A 106 -10.11 -16.55 -9.12
N ARG A 107 -9.94 -17.86 -9.06
CA ARG A 107 -10.20 -18.73 -10.20
C ARG A 107 -11.33 -19.63 -9.78
N HIS A 108 -12.55 -19.28 -10.16
CA HIS A 108 -13.74 -19.93 -9.62
C HIS A 108 -14.27 -21.07 -10.46
N LEU A 109 -14.52 -20.82 -11.73
CA LEU A 109 -14.84 -21.92 -12.61
C LEU A 109 -14.24 -21.74 -14.00
N GLU A 110 -14.15 -22.83 -14.73
CA GLU A 110 -13.71 -22.78 -16.11
C GLU A 110 -14.82 -23.28 -17.00
N ILE A 111 -15.05 -22.56 -18.10
CA ILE A 111 -15.95 -23.03 -19.15
C ILE A 111 -15.14 -23.25 -20.43
N ARG A 112 -14.99 -24.51 -20.83
CA ARG A 112 -14.35 -24.89 -22.10
C ARG A 112 -15.39 -24.81 -23.21
N TRP A 113 -14.99 -24.25 -24.36
CA TRP A 113 -15.92 -24.06 -25.46
C TRP A 113 -15.23 -24.51 -26.72
N ASP A 114 -15.93 -25.27 -27.54
CA ASP A 114 -15.35 -25.79 -28.78
C ASP A 114 -16.21 -25.46 -29.99
N GLY A 115 -17.08 -24.46 -29.85
CA GLY A 115 -17.94 -24.05 -30.93
C GLY A 115 -19.30 -24.73 -30.91
N GLN A 116 -19.44 -25.74 -30.07
CA GLN A 116 -20.69 -26.51 -29.98
C GLN A 116 -21.14 -26.66 -28.53
N VAL A 117 -20.20 -27.05 -27.69
CA VAL A 117 -20.46 -27.45 -26.32
C VAL A 117 -19.70 -26.59 -25.32
N ALA A 118 -20.45 -25.93 -24.46
CA ALA A 118 -19.88 -25.20 -23.36
C ALA A 118 -19.87 -26.12 -22.15
N LEU A 119 -18.67 -26.49 -21.70
CA LEU A 119 -18.53 -27.41 -20.60
C LEU A 119 -17.98 -26.67 -19.39
N LEU A 120 -18.82 -26.53 -18.35
CA LEU A 120 -18.46 -25.80 -17.13
C LEU A 120 -17.74 -26.70 -16.13
N ALA A 121 -16.72 -26.19 -15.46
CA ALA A 121 -16.08 -26.96 -14.40
C ALA A 121 -15.68 -26.11 -13.21
N ASP A 122 -16.12 -26.50 -12.02
CA ASP A 122 -15.78 -25.80 -10.79
C ASP A 122 -14.33 -26.06 -10.44
N LEU A 123 -13.54 -24.99 -10.37
CA LEU A 123 -12.12 -25.10 -10.13
C LEU A 123 -11.80 -25.22 -8.65
N ASN A 124 -12.49 -26.12 -7.98
CA ASN A 124 -12.26 -26.37 -6.57
C ASN A 124 -12.48 -25.08 -5.78
N SER A 125 -13.56 -24.40 -6.11
CA SER A 125 -13.84 -23.10 -5.52
C SER A 125 -14.14 -23.26 -4.04
N THR A 126 -13.94 -22.18 -3.28
CA THR A 126 -14.19 -22.19 -1.85
C THR A 126 -15.65 -22.46 -1.52
N ASN A 127 -16.55 -21.85 -2.29
CA ASN A 127 -17.96 -21.88 -1.99
C ASN A 127 -18.84 -22.68 -2.94
N GLY A 128 -18.23 -23.21 -3.99
CA GLY A 128 -18.95 -24.06 -4.91
C GLY A 128 -19.64 -23.31 -6.03
N THR A 129 -20.34 -24.05 -6.86
CA THR A 129 -21.07 -23.50 -7.99
C THR A 129 -22.34 -24.33 -8.15
N THR A 130 -23.47 -23.65 -8.32
CA THR A 130 -24.68 -24.37 -8.68
C THR A 130 -25.16 -23.92 -10.05
N VAL A 131 -25.81 -24.82 -10.76
CA VAL A 131 -26.48 -24.44 -12.00
C VAL A 131 -27.93 -24.84 -11.80
N ASN A 132 -28.84 -23.92 -12.07
CA ASN A 132 -30.26 -24.15 -11.85
C ASN A 132 -30.54 -24.66 -10.45
N ASN A 133 -29.92 -23.99 -9.47
CA ASN A 133 -30.11 -24.31 -8.05
C ASN A 133 -29.64 -25.70 -7.62
N ALA A 134 -28.83 -26.36 -8.43
CA ALA A 134 -28.26 -27.64 -8.05
C ALA A 134 -26.75 -27.55 -8.12
N PRO A 135 -26.07 -28.09 -7.10
CA PRO A 135 -24.62 -27.99 -7.06
C PRO A 135 -24.00 -28.84 -8.16
N VAL A 136 -22.95 -28.33 -8.79
CA VAL A 136 -22.27 -29.05 -9.86
C VAL A 136 -20.76 -29.11 -9.67
N GLN A 137 -20.16 -30.09 -10.33
CA GLN A 137 -18.73 -30.11 -10.50
C GLN A 137 -18.48 -29.80 -11.98
N GLU A 138 -18.68 -30.81 -12.83
CA GLU A 138 -18.67 -30.61 -14.27
C GLU A 138 -20.12 -30.58 -14.83
N TRP A 139 -20.38 -29.68 -15.77
CA TRP A 139 -21.73 -29.50 -16.27
C TRP A 139 -21.74 -28.90 -17.66
N GLN A 140 -22.41 -29.56 -18.59
CA GLN A 140 -22.59 -29.00 -19.93
C GLN A 140 -23.71 -27.97 -19.94
N LEU A 141 -23.37 -26.73 -20.29
CA LEU A 141 -24.34 -25.66 -20.24
C LEU A 141 -25.38 -25.71 -21.37
N ALA A 142 -26.56 -25.14 -21.09
CA ALA A 142 -27.62 -24.97 -22.08
C ALA A 142 -28.18 -23.55 -22.05
N ASP A 143 -28.81 -23.14 -23.15
CA ASP A 143 -29.44 -21.84 -23.21
C ASP A 143 -30.44 -21.76 -22.07
N GLY A 144 -30.32 -20.71 -21.26
CA GLY A 144 -31.25 -20.49 -20.17
C GLY A 144 -30.77 -20.91 -18.81
N ASP A 145 -29.72 -21.71 -18.74
CA ASP A 145 -29.15 -22.08 -17.45
C ASP A 145 -28.75 -20.89 -16.58
N VAL A 146 -28.97 -21.04 -15.28
CA VAL A 146 -28.60 -20.03 -14.31
C VAL A 146 -27.44 -20.53 -13.46
N ILE A 147 -26.32 -19.82 -13.51
CA ILE A 147 -25.15 -20.17 -12.73
C ILE A 147 -25.10 -19.28 -11.50
N ARG A 148 -24.98 -19.88 -10.32
CA ARG A 148 -24.78 -19.13 -9.07
C ARG A 148 -23.39 -19.37 -8.45
N LEU A 149 -22.63 -18.30 -8.27
CA LEU A 149 -21.37 -18.35 -7.54
C LEU A 149 -21.36 -17.16 -6.61
N GLY A 150 -20.88 -17.36 -5.38
CA GLY A 150 -20.93 -16.33 -4.36
C GLY A 150 -22.37 -15.85 -4.25
N HIS A 151 -22.60 -14.55 -4.38
CA HIS A 151 -23.93 -13.98 -4.42
C HIS A 151 -24.25 -13.47 -5.82
N SER A 152 -23.57 -14.01 -6.82
CA SER A 152 -23.76 -13.59 -8.19
C SER A 152 -24.55 -14.61 -8.98
N GLU A 153 -25.10 -14.17 -10.11
CA GLU A 153 -25.85 -15.04 -11.01
C GLU A 153 -25.50 -14.74 -12.45
N ILE A 154 -25.19 -15.77 -13.22
CA ILE A 154 -24.93 -15.61 -14.64
C ILE A 154 -25.95 -16.42 -15.43
N ILE A 155 -26.63 -15.75 -16.34
CA ILE A 155 -27.51 -16.44 -17.23
C ILE A 155 -26.79 -16.78 -18.53
N VAL A 156 -27.04 -17.98 -19.02
CA VAL A 156 -26.49 -18.43 -20.29
C VAL A 156 -27.48 -18.12 -21.38
N ARG A 157 -27.15 -17.18 -22.27
CA ARG A 157 -27.99 -16.91 -23.44
C ARG A 157 -27.17 -16.79 -24.72
N GLN B 23 27.69 16.10 15.78
CA GLN B 23 27.53 16.41 17.21
C GLN B 23 26.35 15.64 17.86
N LEU B 24 25.42 15.17 17.03
CA LEU B 24 24.44 14.18 17.45
C LEU B 24 25.04 12.80 17.21
N VAL B 25 25.27 12.08 18.30
CA VAL B 25 25.90 10.75 18.24
C VAL B 25 25.22 9.81 19.22
N PRO B 26 25.31 8.50 18.95
CA PRO B 26 24.70 7.55 19.89
C PRO B 26 25.29 7.74 21.28
N GLY B 27 24.45 7.71 22.31
CA GLY B 27 24.91 7.89 23.69
C GLY B 27 24.73 9.30 24.16
N ALA B 28 24.47 10.22 23.24
CA ALA B 28 24.18 11.61 23.57
C ALA B 28 22.87 11.78 24.35
N ARG B 29 22.88 12.68 25.32
CA ARG B 29 21.69 13.00 26.07
C ARG B 29 21.00 14.23 25.49
N ILE B 30 19.68 14.18 25.38
CA ILE B 30 18.92 15.23 24.73
C ILE B 30 17.81 15.76 25.65
N ALA B 31 17.50 17.04 25.49
CA ALA B 31 16.39 17.67 26.20
C ALA B 31 16.51 17.49 27.72
N ASN B 32 17.63 17.96 28.27
CA ASN B 32 17.89 17.92 29.71
C ASN B 32 17.96 16.52 30.28
N GLY B 33 18.50 15.59 29.49
CA GLY B 33 18.69 14.24 29.95
C GLY B 33 17.43 13.40 29.83
N ARG B 34 16.43 13.93 29.15
CA ARG B 34 15.20 13.20 28.95
C ARG B 34 15.37 12.02 27.96
N TYR B 35 16.15 12.25 26.91
CA TYR B 35 16.37 11.20 25.91
C TYR B 35 17.84 10.89 25.76
N ARG B 36 18.17 9.62 25.51
CA ARG B 36 19.52 9.25 25.14
C ARG B 36 19.54 8.59 23.76
N LEU B 37 20.36 9.08 22.85
CA LEU B 37 20.34 8.54 21.49
C LEU B 37 20.88 7.13 21.44
N LEU B 38 20.23 6.26 20.69
CA LEU B 38 20.71 4.91 20.57
C LEU B 38 21.19 4.64 19.15
N ILE B 39 20.28 4.68 18.19
CA ILE B 39 20.60 4.28 16.83
C ILE B 39 20.15 5.29 15.81
N PHE B 40 21.05 5.66 14.90
CA PHE B 40 20.76 6.64 13.84
C PHE B 40 20.08 5.97 12.65
N HIS B 41 18.97 6.52 12.18
CA HIS B 41 18.20 5.88 11.11
C HIS B 41 18.10 6.73 9.85
N GLY B 42 18.95 7.74 9.76
CA GLY B 42 19.10 8.47 8.52
C GLY B 42 18.29 9.73 8.42
N GLY B 43 17.75 9.98 7.23
CA GLY B 43 17.02 11.19 6.97
C GLY B 43 17.67 12.03 5.88
N VAL B 44 16.89 12.93 5.30
CA VAL B 44 17.43 13.88 4.34
C VAL B 44 17.66 15.22 5.03
N PRO B 45 18.88 15.77 4.94
CA PRO B 45 19.13 17.00 5.71
C PRO B 45 18.29 18.20 5.29
N PRO B 46 17.86 19.01 6.27
CA PRO B 46 18.45 19.08 7.62
C PRO B 46 17.92 18.12 8.69
N LEU B 47 17.09 17.15 8.36
CA LEU B 47 16.50 16.26 9.37
C LEU B 47 17.35 15.02 9.71
N GLN B 48 17.29 14.59 10.96
CA GLN B 48 17.94 13.36 11.40
C GLN B 48 16.95 12.50 12.16
N PHE B 49 16.83 11.24 11.78
CA PHE B 49 15.89 10.29 12.37
C PHE B 49 16.62 9.44 13.38
N TRP B 50 16.17 9.46 14.61
CA TRP B 50 16.85 8.70 15.65
C TRP B 50 15.92 7.78 16.42
N GLN B 51 16.47 6.66 16.83
CA GLN B 51 15.86 5.80 17.80
C GLN B 51 16.51 6.08 19.15
N ALA B 52 15.70 6.42 20.14
CA ALA B 52 16.26 6.84 21.41
C ALA B 52 15.56 6.21 22.60
N LEU B 53 16.19 6.36 23.76
CA LEU B 53 15.59 5.93 25.01
C LEU B 53 15.00 7.13 25.75
N ASP B 54 13.74 6.98 26.17
CA ASP B 54 13.10 7.93 27.06
C ASP B 54 13.52 7.51 28.47
N THR B 55 14.42 8.26 29.08
CA THR B 55 15.03 7.85 30.33
C THR B 55 14.02 7.94 31.46
N ALA B 56 13.09 8.86 31.36
CA ALA B 56 12.13 9.06 32.43
C ALA B 56 11.00 8.02 32.44
N LEU B 57 10.71 7.45 31.28
CA LEU B 57 9.58 6.54 31.12
C LEU B 57 10.05 5.12 30.85
N ASP B 58 11.35 4.96 30.66
CA ASP B 58 11.98 3.66 30.46
C ASP B 58 11.43 2.88 29.26
N ARG B 59 11.25 3.59 28.16
CA ARG B 59 10.95 2.94 26.89
C ARG B 59 11.52 3.76 25.75
N GLN B 60 11.49 3.20 24.56
CA GLN B 60 12.03 3.86 23.40
C GLN B 60 11.04 4.82 22.79
N VAL B 61 11.57 5.83 22.11
CA VAL B 61 10.76 6.73 21.31
C VAL B 61 11.45 6.93 19.98
N ALA B 62 10.70 7.43 19.01
CA ALA B 62 11.28 7.91 17.76
C ALA B 62 11.57 9.41 17.91
N LEU B 63 12.75 9.84 17.44
CA LEU B 63 13.11 11.26 17.49
C LEU B 63 13.40 11.77 16.10
N THR B 64 12.81 12.90 15.76
CA THR B 64 13.18 13.59 14.55
C THR B 64 13.76 14.95 14.90
N PHE B 65 15.05 15.14 14.63
CA PHE B 65 15.70 16.43 14.83
C PHE B 65 15.52 17.28 13.59
N VAL B 66 15.01 18.49 13.77
CA VAL B 66 14.67 19.34 12.64
C VAL B 66 15.87 20.06 12.02
N ASP B 67 16.58 20.86 12.78
CA ASP B 67 17.74 21.50 12.17
C ASP B 67 18.86 21.63 13.18
N PRO B 68 19.43 20.49 13.55
CA PRO B 68 20.33 20.47 14.71
C PRO B 68 21.41 21.54 14.60
N GLN B 69 21.86 21.82 13.38
CA GLN B 69 22.95 22.77 13.16
C GLN B 69 22.52 24.24 13.03
N GLY B 70 21.22 24.51 13.02
CA GLY B 70 20.74 25.88 12.94
C GLY B 70 20.89 26.59 11.60
N VAL B 71 20.97 25.83 10.51
CA VAL B 71 21.17 26.43 9.18
C VAL B 71 19.90 26.98 8.49
N LEU B 72 18.73 26.65 9.04
CA LEU B 72 17.48 27.18 8.50
C LEU B 72 17.12 28.53 9.12
N PRO B 73 16.40 29.37 8.37
CA PRO B 73 15.81 30.57 8.97
C PRO B 73 14.85 30.18 10.10
N ASP B 74 14.77 30.97 11.16
CA ASP B 74 13.90 30.66 12.27
C ASP B 74 12.47 30.37 11.83
N ASP B 75 11.94 31.20 10.93
CA ASP B 75 10.56 31.03 10.47
C ASP B 75 10.29 29.71 9.74
N VAL B 76 11.29 29.13 9.09
CA VAL B 76 11.15 27.79 8.53
C VAL B 76 11.04 26.75 9.64
N LEU B 77 11.92 26.84 10.63
CA LEU B 77 11.80 26.00 11.82
C LEU B 77 10.43 26.15 12.46
N GLN B 78 9.98 27.37 12.67
CA GLN B 78 8.66 27.62 13.23
C GLN B 78 7.56 26.91 12.47
N GLU B 79 7.56 27.08 11.16
CA GLU B 79 6.50 26.55 10.32
C GLU B 79 6.51 25.01 10.32
N THR B 80 7.70 24.44 10.39
CA THR B 80 7.84 22.99 10.43
C THR B 80 7.12 22.42 11.66
N LEU B 81 7.36 23.04 12.81
CA LEU B 81 6.83 22.56 14.07
C LEU B 81 5.32 22.81 14.16
N SER B 82 4.88 23.89 13.55
CA SER B 82 3.46 24.21 13.56
CA SER B 82 3.46 24.22 13.54
C SER B 82 2.70 23.21 12.69
N ARG B 83 3.20 22.97 11.49
CA ARG B 83 2.55 22.03 10.59
C ARG B 83 2.62 20.60 11.16
N THR B 84 3.70 20.30 11.86
CA THR B 84 3.84 18.98 12.43
C THR B 84 2.83 18.72 13.56
N LEU B 85 2.50 19.74 14.34
CA LEU B 85 1.46 19.62 15.35
C LEU B 85 0.08 19.37 14.72
N ARG B 86 -0.17 20.08 13.63
CA ARG B 86 -1.35 19.86 12.78
C ARG B 86 -1.51 18.36 12.54
N LEU B 87 -0.43 17.72 12.10
CA LEU B 87 -0.41 16.28 11.84
C LEU B 87 -0.70 15.48 13.10
N SER B 88 -0.21 15.96 14.24
CA SER B 88 -0.40 15.26 15.50
C SER B 88 -1.86 15.14 15.91
N ARG B 89 -2.73 15.94 15.29
CA ARG B 89 -4.14 15.94 15.64
C ARG B 89 -4.93 14.97 14.75
N ILE B 90 -4.21 14.05 14.12
CA ILE B 90 -4.83 13.03 13.29
C ILE B 90 -4.65 11.67 13.97
N ASP B 91 -5.69 10.85 14.00
CA ASP B 91 -5.56 9.58 14.71
C ASP B 91 -5.73 8.36 13.82
N LYS B 92 -4.70 8.07 13.04
CA LYS B 92 -4.71 6.95 12.11
C LYS B 92 -3.50 6.06 12.36
N PRO B 93 -3.66 4.76 12.13
CA PRO B 93 -2.60 3.76 12.27
C PRO B 93 -1.34 4.07 11.48
N GLY B 94 -1.48 4.72 10.31
CA GLY B 94 -0.37 4.96 9.39
C GLY B 94 0.53 6.14 9.72
N VAL B 95 0.25 6.82 10.84
CA VAL B 95 1.15 7.81 11.40
C VAL B 95 1.34 7.53 12.88
N ALA B 96 2.58 7.57 13.34
CA ALA B 96 2.89 7.38 14.74
C ALA B 96 2.34 8.51 15.59
N ARG B 97 2.02 8.21 16.85
CA ARG B 97 1.65 9.26 17.78
C ARG B 97 2.82 10.20 18.02
N VAL B 98 2.56 11.49 17.84
CA VAL B 98 3.47 12.52 18.25
C VAL B 98 3.27 12.78 19.74
N LEU B 99 4.27 12.42 20.55
CA LEU B 99 4.19 12.61 21.98
C LEU B 99 4.63 14.00 22.41
N ASP B 100 5.49 14.65 21.62
CA ASP B 100 5.99 15.97 21.98
C ASP B 100 6.69 16.74 20.84
N VAL B 101 6.56 18.06 20.88
CA VAL B 101 7.26 18.94 19.96
C VAL B 101 7.92 20.06 20.75
N VAL B 102 9.24 20.09 20.73
CA VAL B 102 10.00 21.00 21.57
C VAL B 102 11.15 21.60 20.80
N HIS B 103 11.71 22.67 21.37
CA HIS B 103 12.93 23.27 20.86
C HIS B 103 14.03 22.79 21.78
N THR B 104 15.16 22.39 21.22
CA THR B 104 16.28 21.95 22.04
C THR B 104 17.59 22.61 21.67
N ARG B 105 18.65 22.22 22.38
CA ARG B 105 20.00 22.64 22.08
C ARG B 105 20.36 22.21 20.66
N ALA B 106 19.45 21.45 20.05
CA ALA B 106 19.59 21.04 18.66
C ALA B 106 18.35 21.42 17.83
N GLY B 107 18.10 22.73 17.69
CA GLY B 107 16.96 23.24 16.94
C GLY B 107 15.65 22.62 17.42
N GLY B 108 14.77 22.27 16.49
CA GLY B 108 13.52 21.64 16.85
C GLY B 108 13.62 20.13 17.07
N LEU B 109 12.71 19.58 17.86
CA LEU B 109 12.65 18.14 18.08
C LEU B 109 11.20 17.62 18.06
N VAL B 110 10.96 16.57 17.28
CA VAL B 110 9.67 15.92 17.27
C VAL B 110 9.80 14.54 17.89
N VAL B 111 9.16 14.36 19.04
CA VAL B 111 9.15 13.06 19.71
C VAL B 111 7.94 12.23 19.30
N ALA B 112 8.16 11.05 18.74
CA ALA B 112 7.06 10.15 18.40
C ALA B 112 7.15 8.79 19.09
N GLU B 113 6.01 8.15 19.31
CA GLU B 113 6.01 6.81 19.87
C GLU B 113 6.82 5.91 18.95
N TRP B 114 7.42 4.89 19.55
CA TRP B 114 8.21 3.93 18.77
C TRP B 114 7.31 2.83 18.21
N ILE B 115 7.58 2.47 16.97
CA ILE B 115 6.77 1.50 16.25
C ILE B 115 7.50 0.17 16.22
N ARG B 116 7.04 -0.81 16.99
CA ARG B 116 7.65 -2.13 16.97
C ARG B 116 7.56 -2.69 15.57
N GLY B 117 8.67 -3.18 15.05
CA GLY B 117 8.71 -3.73 13.71
C GLY B 117 10.07 -3.54 13.09
N GLY B 118 10.12 -3.01 11.87
CA GLY B 118 11.38 -2.76 11.19
C GLY B 118 11.24 -1.64 10.18
N SER B 119 12.36 -1.20 9.64
CA SER B 119 12.34 -0.13 8.66
C SER B 119 11.73 -0.67 7.39
N LEU B 120 11.22 0.22 6.55
CA LEU B 120 10.76 -0.18 5.23
C LEU B 120 11.87 -0.95 4.53
N GLN B 121 13.11 -0.50 4.68
CA GLN B 121 14.24 -1.17 4.05
CA GLN B 121 14.26 -1.15 4.07
C GLN B 121 14.36 -2.61 4.52
N GLU B 122 14.40 -2.82 5.84
CA GLU B 122 14.51 -4.16 6.38
C GLU B 122 13.43 -5.09 5.82
N VAL B 123 12.21 -4.58 5.71
CA VAL B 123 11.11 -5.45 5.28
C VAL B 123 11.19 -5.78 3.80
N ALA B 124 11.53 -4.78 2.99
CA ALA B 124 11.66 -4.98 1.56
C ALA B 124 12.65 -6.09 1.25
N ASP B 125 13.75 -6.13 1.99
CA ASP B 125 14.80 -7.12 1.83
C ASP B 125 14.32 -8.56 2.07
N THR B 126 13.19 -8.71 2.76
CA THR B 126 12.65 -10.04 3.01
C THR B 126 11.78 -10.59 1.87
N SER B 127 11.61 -9.79 0.82
CA SER B 127 10.77 -10.13 -0.34
C SER B 127 9.42 -10.66 0.08
N PRO B 128 8.58 -9.77 0.62
CA PRO B 128 7.22 -10.13 1.02
C PRO B 128 6.34 -10.38 -0.21
N SER B 129 5.20 -11.02 -0.02
CA SER B 129 4.28 -11.29 -1.13
C SER B 129 3.64 -9.99 -1.64
N PRO B 130 3.45 -9.88 -2.96
CA PRO B 130 2.82 -8.69 -3.54
C PRO B 130 1.54 -8.30 -2.80
N VAL B 131 0.57 -9.22 -2.66
CA VAL B 131 -0.66 -8.89 -1.96
C VAL B 131 -0.41 -8.40 -0.55
N GLY B 132 0.46 -9.10 0.17
CA GLY B 132 0.84 -8.68 1.50
C GLY B 132 1.33 -7.25 1.49
N ALA B 133 2.20 -6.94 0.54
CA ALA B 133 2.78 -5.62 0.40
C ALA B 133 1.73 -4.52 0.18
N ILE B 134 0.75 -4.77 -0.69
CA ILE B 134 -0.18 -3.69 -0.99
C ILE B 134 -1.27 -3.56 0.08
N ARG B 135 -1.51 -4.65 0.80
CA ARG B 135 -2.45 -4.61 1.90
C ARG B 135 -1.82 -3.73 2.99
N ALA B 136 -0.53 -3.95 3.22
CA ALA B 136 0.20 -3.18 4.22
C ALA B 136 0.22 -1.67 3.92
N MET B 137 0.31 -1.31 2.64
CA MET B 137 0.43 0.10 2.22
C MET B 137 -0.82 0.93 2.47
N GLN B 138 -1.98 0.30 2.58
CA GLN B 138 -3.21 1.06 2.73
C GLN B 138 -3.17 1.97 3.97
N SER B 139 -2.49 1.54 5.01
CA SER B 139 -2.44 2.34 6.23
C SER B 139 -1.80 3.69 5.96
N LEU B 140 -0.67 3.68 5.24
CA LEU B 140 0.00 4.91 4.85
C LEU B 140 -0.88 5.77 3.94
N ALA B 141 -1.41 5.16 2.88
CA ALA B 141 -2.27 5.87 1.92
C ALA B 141 -3.49 6.50 2.60
N ALA B 142 -4.04 5.81 3.59
CA ALA B 142 -5.23 6.31 4.28
C ALA B 142 -4.86 7.42 5.23
N ALA B 143 -3.67 7.34 5.82
CA ALA B 143 -3.16 8.43 6.65
C ALA B 143 -2.92 9.69 5.81
N ALA B 144 -2.25 9.54 4.68
CA ALA B 144 -2.06 10.64 3.75
C ALA B 144 -3.38 11.31 3.39
N ASP B 145 -4.38 10.50 3.06
CA ASP B 145 -5.71 11.00 2.77
C ASP B 145 -6.26 11.86 3.91
N ALA B 146 -6.24 11.32 5.11
CA ALA B 146 -6.74 12.04 6.27
C ALA B 146 -5.96 13.32 6.44
N ALA B 147 -4.64 13.20 6.46
CA ALA B 147 -3.74 14.33 6.61
C ALA B 147 -4.02 15.41 5.56
N HIS B 148 -4.13 14.99 4.32
CA HIS B 148 -4.34 15.98 3.27
C HIS B 148 -5.65 16.73 3.49
N ARG B 149 -6.67 16.05 4.01
CA ARG B 149 -7.95 16.69 4.30
C ARG B 149 -7.88 17.66 5.47
N ALA B 150 -6.94 17.43 6.39
CA ALA B 150 -6.74 18.33 7.50
C ALA B 150 -5.85 19.52 7.09
N GLY B 151 -5.40 19.52 5.84
CA GLY B 151 -4.58 20.59 5.33
C GLY B 151 -3.10 20.48 5.61
N VAL B 152 -2.58 19.25 5.68
CA VAL B 152 -1.17 19.02 5.93
C VAL B 152 -0.60 17.81 5.19
N ALA B 153 0.69 17.88 4.86
CA ALA B 153 1.37 16.78 4.17
C ALA B 153 2.05 15.81 5.16
N LEU B 154 2.29 14.58 4.74
CA LEU B 154 3.00 13.60 5.56
C LEU B 154 4.49 13.71 5.32
N SER B 155 4.86 14.26 4.18
CA SER B 155 6.26 14.34 3.80
C SER B 155 6.95 12.99 3.67
N ILE B 156 6.41 12.10 2.84
CA ILE B 156 7.12 10.87 2.50
C ILE B 156 8.27 11.17 1.53
N ASP B 157 9.38 11.65 2.04
CA ASP B 157 10.44 12.16 1.18
C ASP B 157 11.68 11.28 1.19
N HIS B 158 11.59 10.13 1.82
CA HIS B 158 12.77 9.30 2.01
C HIS B 158 12.37 8.01 2.68
N PRO B 159 12.87 6.88 2.19
CA PRO B 159 12.62 5.54 2.69
C PRO B 159 12.67 5.44 4.23
N SER B 160 13.59 6.17 4.85
CA SER B 160 13.79 6.03 6.28
C SER B 160 12.68 6.66 7.11
N ARG B 161 11.78 7.37 6.45
CA ARG B 161 10.61 7.94 7.12
C ARG B 161 9.67 6.85 7.59
N VAL B 162 9.80 5.67 6.99
CA VAL B 162 8.77 4.66 7.04
C VAL B 162 9.23 3.37 7.76
N ARG B 163 8.37 2.85 8.63
CA ARG B 163 8.62 1.55 9.24
C ARG B 163 7.41 0.67 8.99
N VAL B 164 7.59 -0.64 9.06
CA VAL B 164 6.48 -1.59 9.02
C VAL B 164 6.29 -2.25 10.39
N SER B 165 5.11 -2.05 10.96
CA SER B 165 4.83 -2.54 12.29
C SER B 165 4.57 -4.04 12.24
N ILE B 166 4.79 -4.72 13.37
CA ILE B 166 4.61 -6.17 13.40
C ILE B 166 3.16 -6.61 13.19
N ASP B 167 2.22 -5.68 13.30
CA ASP B 167 0.86 -5.99 12.93
C ASP B 167 0.57 -5.67 11.46
N GLY B 168 1.63 -5.31 10.73
CA GLY B 168 1.57 -5.21 9.28
C GLY B 168 1.15 -3.88 8.66
N ASP B 169 1.30 -2.78 9.39
CA ASP B 169 1.01 -1.48 8.83
C ASP B 169 2.29 -0.75 8.46
N VAL B 170 2.30 -0.18 7.25
CA VAL B 170 3.37 0.74 6.91
C VAL B 170 3.03 2.07 7.55
N VAL B 171 4.02 2.67 8.21
CA VAL B 171 3.79 3.78 9.12
C VAL B 171 4.83 4.86 8.92
N LEU B 172 4.39 6.11 8.97
CA LEU B 172 5.30 7.24 9.06
C LEU B 172 5.86 7.27 10.48
N ALA B 173 7.10 6.84 10.65
CA ALA B 173 7.64 6.67 12.00
C ALA B 173 8.27 7.96 12.51
N TYR B 174 8.72 8.78 11.55
CA TYR B 174 9.47 10.00 11.84
C TYR B 174 8.80 11.27 11.31
N PRO B 175 7.71 11.71 11.96
CA PRO B 175 6.94 12.85 11.48
C PRO B 175 7.74 14.15 11.59
N ALA B 176 7.66 14.99 10.56
CA ALA B 176 8.27 16.32 10.55
C ALA B 176 7.98 16.94 9.20
N THR B 177 6.98 17.80 9.14
CA THR B 177 6.51 18.32 7.86
C THR B 177 7.03 19.73 7.55
N MET B 178 7.95 19.83 6.60
CA MET B 178 8.49 21.13 6.26
C MET B 178 7.64 21.86 5.23
N PRO B 179 7.76 23.20 5.19
CA PRO B 179 7.02 24.09 4.29
C PRO B 179 6.88 23.61 2.84
N ASP B 180 7.90 22.98 2.29
CA ASP B 180 7.82 22.64 0.88
C ASP B 180 7.16 21.28 0.59
N ALA B 181 6.94 20.49 1.63
CA ALA B 181 6.19 19.25 1.48
C ALA B 181 4.79 19.52 0.98
N ASN B 182 4.27 18.60 0.17
CA ASN B 182 2.95 18.73 -0.45
C ASN B 182 2.35 17.39 -0.73
N PRO B 183 1.03 17.35 -0.89
CA PRO B 183 0.28 16.14 -1.25
C PRO B 183 0.82 15.36 -2.44
N GLN B 184 1.21 16.03 -3.52
CA GLN B 184 1.61 15.31 -4.72
C GLN B 184 2.84 14.47 -4.47
N ASP B 185 3.73 14.99 -3.64
CA ASP B 185 5.00 14.29 -3.36
C ASP B 185 4.81 13.16 -2.37
N ASP B 186 3.79 13.29 -1.52
CA ASP B 186 3.35 12.17 -0.68
C ASP B 186 2.88 11.02 -1.57
N ILE B 187 2.04 11.33 -2.54
CA ILE B 187 1.54 10.30 -3.44
C ILE B 187 2.70 9.56 -4.10
N ARG B 188 3.70 10.30 -4.58
CA ARG B 188 4.90 9.64 -5.12
C ARG B 188 5.65 8.84 -4.05
N GLY B 189 5.80 9.43 -2.86
CA GLY B 189 6.51 8.76 -1.78
C GLY B 189 5.86 7.45 -1.37
N ILE B 190 4.55 7.51 -1.16
CA ILE B 190 3.78 6.33 -0.83
C ILE B 190 3.84 5.33 -1.96
N GLY B 191 3.87 5.82 -3.19
CA GLY B 191 3.97 4.95 -4.35
C GLY B 191 5.33 4.27 -4.37
N ALA B 192 6.37 5.05 -4.10
CA ALA B 192 7.74 4.55 -4.02
C ALA B 192 7.95 3.53 -2.90
N SER B 193 7.31 3.75 -1.76
CA SER B 193 7.37 2.81 -0.64
C SER B 193 6.84 1.45 -1.07
N LEU B 194 5.81 1.47 -1.91
CA LEU B 194 5.24 0.25 -2.47
C LEU B 194 6.20 -0.43 -3.46
N TYR B 195 6.74 0.35 -4.38
CA TYR B 195 7.74 -0.16 -5.31
C TYR B 195 8.82 -0.88 -4.53
N ALA B 196 9.27 -0.25 -3.45
CA ALA B 196 10.30 -0.85 -2.60
C ALA B 196 9.96 -2.24 -2.07
N LEU B 197 8.79 -2.35 -1.43
CA LEU B 197 8.29 -3.63 -0.96
C LEU B 197 8.19 -4.65 -2.08
N LEU B 198 7.72 -4.22 -3.24
CA LEU B 198 7.58 -5.11 -4.39
C LEU B 198 8.90 -5.68 -4.92
N VAL B 199 9.91 -4.85 -5.15
CA VAL B 199 11.11 -5.33 -5.82
C VAL B 199 12.44 -4.94 -5.16
N ASN B 200 12.36 -4.36 -3.98
CA ASN B 200 13.54 -4.08 -3.16
C ASN B 200 14.48 -3.03 -3.77
N ARG B 201 13.88 -1.99 -4.34
CA ARG B 201 14.60 -0.84 -4.89
C ARG B 201 13.82 0.42 -4.55
N TRP B 202 14.51 1.56 -4.48
CA TRP B 202 13.85 2.85 -4.35
C TRP B 202 13.88 3.51 -5.71
N PRO B 203 12.70 3.91 -6.24
CA PRO B 203 12.51 4.43 -7.60
C PRO B 203 12.57 5.95 -7.75
N LEU B 204 12.52 6.68 -6.63
CA LEU B 204 12.70 8.13 -6.65
C LEU B 204 14.19 8.44 -6.44
N PRO B 205 14.62 9.63 -6.84
CA PRO B 205 16.02 10.00 -6.59
C PRO B 205 16.34 10.07 -5.10
N GLU B 206 17.49 9.53 -4.70
CA GLU B 206 17.84 9.47 -3.27
C GLU B 206 18.55 10.71 -2.77
N ALA B 207 17.95 11.35 -1.77
CA ALA B 207 18.54 12.50 -1.13
C ALA B 207 19.16 12.10 0.21
N GLY B 208 20.00 12.98 0.74
CA GLY B 208 20.59 12.80 2.05
C GLY B 208 21.26 11.47 2.29
N VAL B 209 21.08 10.96 3.50
CA VAL B 209 21.67 9.70 3.93
C VAL B 209 21.05 8.50 3.24
N ARG B 210 21.86 7.80 2.44
CA ARG B 210 21.45 6.57 1.78
C ARG B 210 20.62 5.64 2.70
N SER B 211 19.59 5.04 2.13
CA SER B 211 18.62 4.25 2.89
C SER B 211 18.99 2.78 2.96
N GLY B 212 19.74 2.31 1.97
CA GLY B 212 20.08 0.91 1.90
C GLY B 212 19.36 0.25 0.75
N LEU B 213 18.39 0.97 0.18
CA LEU B 213 17.72 0.55 -1.02
C LEU B 213 18.53 1.00 -2.23
N ALA B 214 18.97 0.06 -3.05
CA ALA B 214 19.59 0.37 -4.34
C ALA B 214 18.60 1.10 -5.23
N PRO B 215 19.09 2.02 -6.07
CA PRO B 215 18.21 2.74 -6.99
C PRO B 215 17.58 1.77 -7.97
N ALA B 216 16.38 2.08 -8.41
CA ALA B 216 15.64 1.21 -9.31
C ALA B 216 16.36 1.10 -10.65
N GLU B 217 16.18 -0.04 -11.31
CA GLU B 217 16.57 -0.18 -12.70
C GLU B 217 15.67 0.72 -13.52
N ARG B 218 16.17 1.21 -14.64
CA ARG B 218 15.42 2.18 -15.43
C ARG B 218 15.36 1.79 -16.90
N ASP B 219 14.30 2.21 -17.58
CA ASP B 219 14.13 1.89 -18.99
C ASP B 219 14.88 2.89 -19.86
N THR B 220 15.03 2.55 -21.14
CA THR B 220 15.69 3.44 -22.09
C THR B 220 15.11 4.85 -21.98
N ALA B 221 13.81 4.93 -21.71
CA ALA B 221 13.11 6.20 -21.68
C ALA B 221 13.42 7.03 -20.43
N GLY B 222 14.16 6.45 -19.48
CA GLY B 222 14.48 7.13 -18.23
C GLY B 222 13.70 6.65 -17.00
N GLN B 223 12.43 6.33 -17.18
CA GLN B 223 11.55 5.90 -16.09
C GLN B 223 12.01 4.64 -15.34
N PRO B 224 11.57 4.46 -14.08
CA PRO B 224 11.89 3.23 -13.35
C PRO B 224 11.13 2.07 -13.98
N ILE B 225 11.75 0.90 -14.08
CA ILE B 225 11.09 -0.24 -14.69
C ILE B 225 9.90 -0.71 -13.88
N GLU B 226 8.78 -0.98 -14.55
CA GLU B 226 7.58 -1.41 -13.85
C GLU B 226 7.87 -2.71 -13.11
N PRO B 227 7.38 -2.83 -11.89
CA PRO B 227 7.67 -3.97 -10.99
C PRO B 227 7.26 -5.32 -11.58
N ALA B 228 6.19 -5.34 -12.36
CA ALA B 228 5.75 -6.58 -13.01
C ALA B 228 6.69 -6.96 -14.14
N ASP B 229 7.49 -6.01 -14.62
CA ASP B 229 8.46 -6.32 -15.67
C ASP B 229 9.79 -6.79 -15.08
N ILE B 230 9.94 -6.65 -13.78
CA ILE B 230 11.12 -7.14 -13.06
C ILE B 230 10.82 -8.49 -12.44
N ASP B 231 9.54 -8.71 -12.09
CA ASP B 231 9.09 -9.95 -11.46
C ASP B 231 7.66 -10.25 -11.86
N ARG B 232 7.48 -11.09 -12.87
CA ARG B 232 6.16 -11.29 -13.47
C ARG B 232 5.19 -12.09 -12.60
N ASP B 233 5.60 -12.41 -11.38
CA ASP B 233 4.70 -13.01 -10.40
C ASP B 233 3.87 -11.92 -9.70
N ILE B 234 4.32 -10.67 -9.82
CA ILE B 234 3.58 -9.52 -9.34
C ILE B 234 2.37 -9.22 -10.22
N PRO B 235 1.15 -9.36 -9.67
CA PRO B 235 -0.08 -9.12 -10.43
C PRO B 235 -0.07 -7.72 -11.02
N PHE B 236 -0.56 -7.57 -12.24
CA PHE B 236 -0.43 -6.29 -12.94
C PHE B 236 -1.21 -5.17 -12.28
N GLN B 237 -2.33 -5.45 -11.64
CA GLN B 237 -3.04 -4.38 -10.94
C GLN B 237 -2.19 -3.82 -9.82
N ILE B 238 -1.44 -4.69 -9.15
CA ILE B 238 -0.63 -4.27 -8.02
C ILE B 238 0.59 -3.49 -8.50
N SER B 239 1.22 -4.00 -9.55
CA SER B 239 2.35 -3.31 -10.15
C SER B 239 1.91 -1.93 -10.56
N ALA B 240 0.70 -1.85 -11.13
CA ALA B 240 0.16 -0.62 -11.68
C ALA B 240 0.01 0.49 -10.64
N VAL B 241 -0.44 0.12 -9.45
CA VAL B 241 -0.61 1.11 -8.41
C VAL B 241 0.74 1.78 -8.13
N ALA B 242 1.78 0.98 -7.95
CA ALA B 242 3.10 1.50 -7.70
C ALA B 242 3.61 2.38 -8.85
N ALA B 243 3.53 1.83 -10.07
CA ALA B 243 4.05 2.49 -11.27
C ALA B 243 3.42 3.86 -11.54
N ARG B 244 2.09 3.93 -11.49
CA ARG B 244 1.38 5.17 -11.74
C ARG B 244 1.54 6.21 -10.61
N SER B 245 1.74 5.74 -9.38
CA SER B 245 1.88 6.61 -8.23
C SER B 245 3.18 7.36 -8.31
N VAL B 246 4.17 6.66 -8.83
CA VAL B 246 5.54 7.11 -8.78
C VAL B 246 5.88 8.06 -9.92
N GLN B 247 5.24 7.89 -11.08
CA GLN B 247 5.56 8.73 -12.25
C GLN B 247 4.97 10.14 -12.14
N GLY B 248 5.64 11.08 -12.78
CA GLY B 248 5.28 12.49 -12.66
C GLY B 248 3.92 12.82 -13.23
N ASP B 249 3.76 12.63 -14.54
CA ASP B 249 2.54 13.00 -15.23
C ASP B 249 1.43 11.94 -15.12
N GLY B 250 1.57 11.06 -14.12
CA GLY B 250 0.67 9.93 -13.97
C GLY B 250 -0.67 10.26 -13.35
N GLY B 251 -1.72 9.67 -13.90
CA GLY B 251 -3.09 10.04 -13.59
C GLY B 251 -3.50 10.23 -12.14
N ILE B 252 -2.77 9.64 -11.19
CA ILE B 252 -3.21 9.60 -9.79
C ILE B 252 -2.94 10.90 -9.03
N ARG B 253 -4.01 11.60 -8.66
CA ARG B 253 -3.88 12.95 -8.17
C ARG B 253 -4.35 13.19 -6.73
N SER B 254 -5.01 12.22 -6.11
CA SER B 254 -5.33 12.38 -4.69
C SER B 254 -5.01 11.12 -3.88
N ALA B 255 -4.72 11.30 -2.60
CA ALA B 255 -4.44 10.18 -1.71
C ALA B 255 -5.69 9.33 -1.61
N SER B 256 -6.84 9.97 -1.74
CA SER B 256 -8.12 9.25 -1.75
C SER B 256 -8.19 8.28 -2.94
N THR B 257 -7.90 8.76 -4.12
CA THR B 257 -7.81 7.91 -5.30
C THR B 257 -6.81 6.79 -5.11
N LEU B 258 -5.61 7.14 -4.64
CA LEU B 258 -4.56 6.17 -4.40
C LEU B 258 -5.01 5.09 -3.45
N LEU B 259 -5.64 5.50 -2.35
CA LEU B 259 -6.15 4.56 -1.36
C LEU B 259 -7.11 3.58 -2.01
N ASN B 260 -8.03 4.12 -2.79
CA ASN B 260 -9.05 3.31 -3.44
C ASN B 260 -8.48 2.28 -4.43
N LEU B 261 -7.53 2.69 -5.26
CA LEU B 261 -6.86 1.77 -6.17
C LEU B 261 -6.17 0.60 -5.45
N MET B 262 -5.60 0.91 -4.29
CA MET B 262 -4.92 -0.08 -3.47
C MET B 262 -5.93 -1.07 -2.93
N GLN B 263 -7.03 -0.54 -2.42
CA GLN B 263 -8.12 -1.35 -1.89
C GLN B 263 -8.61 -2.33 -2.95
N GLN B 264 -8.88 -1.81 -4.13
CA GLN B 264 -9.34 -2.63 -5.24
C GLN B 264 -8.29 -3.67 -5.67
N ALA B 265 -7.09 -3.21 -5.97
CA ALA B 265 -5.99 -4.13 -6.18
C ALA B 265 -6.00 -5.27 -5.15
N THR B 266 -6.15 -4.92 -3.88
CA THR B 266 -6.14 -5.90 -2.79
C THR B 266 -7.31 -6.88 -2.83
N ALA B 267 -8.48 -6.38 -3.20
CA ALA B 267 -9.66 -7.22 -3.15
C ALA B 267 -9.60 -8.22 -4.27
N VAL B 268 -8.96 -7.84 -5.37
CA VAL B 268 -8.88 -8.68 -6.57
C VAL B 268 -8.06 -9.93 -6.27
N ALA B 269 -7.13 -9.78 -5.33
CA ALA B 269 -6.19 -10.85 -5.04
C ALA B 269 -6.34 -11.43 -3.64
N ASP B 270 -7.31 -10.93 -2.88
CA ASP B 270 -7.48 -11.34 -1.50
C ASP B 270 -8.00 -12.78 -1.47
N ARG B 271 -7.99 -13.40 -0.29
CA ARG B 271 -8.59 -14.73 -0.15
C ARG B 271 -10.12 -14.66 -0.16
N TPO B 272 -10.74 -15.77 -0.53
CA TPO B 272 -12.17 -15.82 -0.74
CB TPO B 272 -12.51 -17.05 -1.60
CG2 TPO B 272 -14.02 -17.13 -1.86
OG1 TPO B 272 -11.82 -16.92 -2.84
P TPO B 272 -10.60 -17.97 -2.96
O1P TPO B 272 -11.11 -19.36 -2.94
O2P TPO B 272 -9.57 -17.73 -1.77
O3P TPO B 272 -9.83 -17.71 -4.36
C TPO B 272 -12.94 -15.84 0.58
O TPO B 272 -12.59 -16.58 1.48
N GLU B 273 -13.98 -15.02 0.69
CA GLU B 273 -14.87 -15.03 1.85
C GLU B 273 -15.63 -16.33 1.89
N VAL B 274 -15.70 -16.94 3.06
CA VAL B 274 -16.45 -18.19 3.19
C VAL B 274 -17.93 -17.98 3.46
N LEU B 275 -18.75 -18.72 2.72
CA LEU B 275 -20.19 -18.70 2.89
C LEU B 275 -20.61 -20.05 3.43
N GLY B 276 -21.59 -20.03 4.32
CA GLY B 276 -22.07 -21.26 4.90
C GLY B 276 -23.44 -20.95 5.41
N PRO B 277 -24.10 -21.94 6.01
CA PRO B 277 -25.44 -21.74 6.58
C PRO B 277 -25.28 -20.99 7.88
N ILE B 278 -26.38 -20.57 8.49
CA ILE B 278 -26.30 -19.83 9.72
C ILE B 278 -25.53 -20.61 10.77
N ASP B 279 -24.74 -19.92 11.58
CA ASP B 279 -24.07 -20.55 12.70
C ASP B 279 -24.92 -20.44 13.98
MN MN C . 15.11 6.05 34.23
#